data_2OR8
#
_entry.id   2OR8
#
_cell.length_a   44.490
_cell.length_b   55.740
_cell.length_c   75.530
_cell.angle_alpha   90.00
_cell.angle_beta   90.00
_cell.angle_gamma   90.00
#
_symmetry.space_group_name_H-M   'P 21 21 21'
#
loop_
_entity.id
_entity.type
_entity.pdbx_description
1 polymer 'Hepatitis A virus cellular receptor 1 homolog'
2 non-polymer 'ACETATE ION'
3 water water
#
_entity_poly.entity_id   1
_entity_poly.type   'polypeptide(L)'
_entity_poly.pdbx_seq_one_letter_code
;MDSYVEVKGVVGHPVTLPCTYSTYRGITTTCWGRGQCPSSACQNTLIWTNGHRVTYQKSSRYNLKGHISEGDVSLTIENS
VESDSGLYCCRVEIPGWFNDQKVTFSLQVKPELVPR
;
_entity_poly.pdbx_strand_id   A,B
#
loop_
_chem_comp.id
_chem_comp.type
_chem_comp.name
_chem_comp.formula
ACT non-polymer 'ACETATE ION' 'C2 H3 O2 -1'
#
# COMPACT_ATOMS: atom_id res chain seq x y z
N MET A 1 -16.39 -0.40 -3.58
CA MET A 1 -15.38 -1.27 -4.23
C MET A 1 -14.94 -2.42 -3.33
N ASP A 2 -15.66 -3.53 -3.37
CA ASP A 2 -15.30 -4.70 -2.59
C ASP A 2 -14.40 -5.49 -3.53
N SER A 3 -13.09 -5.36 -3.35
CA SER A 3 -12.15 -6.04 -4.22
C SER A 3 -10.84 -6.43 -3.53
N TYR A 4 -10.18 -7.47 -4.02
CA TYR A 4 -8.91 -7.86 -3.43
C TYR A 4 -7.79 -7.92 -4.46
N VAL A 5 -6.58 -8.01 -3.92
CA VAL A 5 -5.38 -8.12 -4.71
C VAL A 5 -5.26 -9.56 -5.19
N GLU A 6 -5.14 -9.75 -6.50
CA GLU A 6 -4.98 -11.09 -7.06
C GLU A 6 -3.48 -11.37 -7.15
N VAL A 7 -3.08 -12.57 -6.72
CA VAL A 7 -1.68 -12.97 -6.76
C VAL A 7 -1.58 -14.36 -7.36
N LYS A 8 -0.61 -14.55 -8.26
CA LYS A 8 -0.42 -15.83 -8.91
C LYS A 8 0.99 -16.37 -8.71
N GLY A 9 1.07 -17.60 -8.21
CA GLY A 9 2.33 -18.25 -7.98
C GLY A 9 2.33 -19.62 -8.62
N VAL A 10 3.51 -20.14 -8.94
CA VAL A 10 3.58 -21.46 -9.55
C VAL A 10 4.25 -22.44 -8.59
N VAL A 11 3.66 -23.62 -8.47
CA VAL A 11 4.16 -24.68 -7.58
C VAL A 11 5.67 -24.85 -7.58
N GLY A 12 6.25 -25.10 -6.41
CA GLY A 12 7.68 -25.30 -6.38
C GLY A 12 8.48 -24.02 -6.22
N HIS A 13 7.92 -22.88 -6.61
CA HIS A 13 8.64 -21.63 -6.40
C HIS A 13 7.83 -20.87 -5.39
N PRO A 14 8.47 -19.98 -4.63
CA PRO A 14 7.94 -19.11 -3.58
C PRO A 14 7.00 -18.07 -4.17
N VAL A 15 5.90 -17.82 -3.46
CA VAL A 15 4.94 -16.84 -3.93
C VAL A 15 4.87 -15.71 -2.91
N THR A 16 4.84 -14.46 -3.40
CA THR A 16 4.80 -13.33 -2.49
C THR A 16 3.53 -12.49 -2.54
N LEU A 17 3.04 -12.12 -1.36
CA LEU A 17 1.87 -11.27 -1.24
C LEU A 17 2.41 -9.91 -0.80
N PRO A 18 2.45 -8.95 -1.73
CA PRO A 18 2.95 -7.59 -1.47
C PRO A 18 2.04 -6.79 -0.55
N CYS A 19 2.56 -6.38 0.60
CA CYS A 19 1.78 -5.57 1.52
C CYS A 19 2.71 -4.57 2.19
N THR A 20 2.41 -3.29 2.00
CA THR A 20 3.23 -2.24 2.56
C THR A 20 2.39 -1.09 3.11
N TYR A 21 3.01 -0.27 3.95
CA TYR A 21 2.34 0.87 4.55
C TYR A 21 3.42 1.91 4.85
N SER A 22 3.03 3.19 4.85
CA SER A 22 3.98 4.26 5.12
C SER A 22 4.23 4.48 6.60
N THR A 23 5.49 4.65 6.97
CA THR A 23 5.84 4.87 8.37
C THR A 23 5.97 6.37 8.66
N TYR A 24 5.27 7.19 7.88
CA TYR A 24 5.34 8.64 8.07
C TYR A 24 4.88 9.07 9.45
N ARG A 25 4.14 8.19 10.12
CA ARG A 25 3.64 8.46 11.47
C ARG A 25 4.30 7.47 12.42
N GLY A 26 5.40 6.89 11.97
CA GLY A 26 6.09 5.96 12.82
C GLY A 26 5.68 4.51 12.58
N ILE A 27 6.56 3.63 13.06
CA ILE A 27 6.46 2.17 12.99
C ILE A 27 5.14 1.60 13.59
N THR A 28 4.78 0.37 13.23
CA THR A 28 3.54 -0.18 13.79
C THR A 28 3.41 -1.68 13.59
N THR A 29 2.45 -2.28 14.27
CA THR A 29 2.24 -3.72 14.19
C THR A 29 1.40 -4.19 13.01
N THR A 30 1.65 -5.44 12.61
CA THR A 30 0.96 -6.07 11.48
C THR A 30 0.73 -7.55 11.75
N CYS A 31 -0.43 -8.07 11.32
CA CYS A 31 -0.72 -9.50 11.44
C CYS A 31 -1.11 -9.99 10.08
N TRP A 32 -0.87 -11.28 9.84
CA TRP A 32 -1.24 -11.89 8.57
C TRP A 32 -2.19 -13.04 8.89
N GLY A 33 -3.20 -13.25 8.08
CA GLY A 33 -4.12 -14.34 8.36
C GLY A 33 -4.67 -14.98 7.12
N ARG A 34 -5.05 -16.25 7.26
CA ARG A 34 -5.61 -16.97 6.14
C ARG A 34 -7.10 -16.74 6.20
N GLY A 35 -7.68 -16.44 5.06
CA GLY A 35 -9.10 -16.17 5.04
C GLY A 35 -9.22 -14.67 4.90
N GLN A 36 -10.43 -14.21 4.67
CA GLN A 36 -10.69 -12.80 4.49
C GLN A 36 -10.48 -11.95 5.76
N CYS A 37 -10.07 -10.68 5.56
CA CYS A 37 -9.84 -9.70 6.64
C CYS A 37 -11.20 -9.45 7.31
N PRO A 38 -11.33 -9.79 8.61
CA PRO A 38 -12.66 -9.53 9.17
C PRO A 38 -13.01 -8.25 9.94
N SER A 39 -12.84 -8.15 11.26
CA SER A 39 -13.21 -6.85 11.82
C SER A 39 -12.13 -6.40 12.77
N SER A 40 -11.77 -7.31 13.68
CA SER A 40 -10.73 -7.16 14.70
C SER A 40 -9.65 -8.21 14.43
N ALA A 41 -8.49 -7.70 14.08
CA ALA A 41 -7.29 -8.46 13.77
C ALA A 41 -7.47 -9.54 12.72
N CYS A 42 -6.47 -10.40 12.54
CA CYS A 42 -6.55 -11.45 11.54
C CYS A 42 -7.15 -12.78 12.04
N GLN A 43 -7.89 -13.49 11.17
CA GLN A 43 -8.48 -14.78 11.50
C GLN A 43 -7.58 -15.85 10.83
N ASN A 44 -7.21 -16.88 11.60
CA ASN A 44 -6.32 -17.95 11.13
C ASN A 44 -4.92 -17.36 10.97
N THR A 45 -4.55 -16.56 11.97
CA THR A 45 -3.27 -15.87 12.02
C THR A 45 -2.07 -16.69 11.58
N LEU A 46 -1.26 -16.10 10.71
CA LEU A 46 -0.06 -16.73 10.22
C LEU A 46 1.16 -15.97 10.73
N ILE A 47 1.02 -14.66 10.85
CA ILE A 47 2.14 -13.81 11.30
C ILE A 47 1.71 -12.62 12.16
N TRP A 48 2.64 -12.17 12.99
CA TRP A 48 2.48 -11.01 13.87
C TRP A 48 3.84 -10.34 13.95
N THR A 49 3.87 -9.02 13.84
CA THR A 49 5.13 -8.29 13.95
C THR A 49 5.00 -7.37 15.15
N ASN A 50 6.14 -6.93 15.67
CA ASN A 50 6.13 -6.02 16.80
C ASN A 50 6.43 -4.63 16.25
N GLY A 51 6.79 -4.59 14.97
CA GLY A 51 7.10 -3.32 14.32
C GLY A 51 8.45 -3.39 13.63
N HIS A 52 9.38 -4.15 14.19
CA HIS A 52 10.70 -4.27 13.59
C HIS A 52 10.97 -5.68 13.07
N ARG A 53 10.48 -6.68 13.79
CA ARG A 53 10.71 -8.05 13.37
C ARG A 53 9.51 -8.94 13.64
N VAL A 54 9.50 -10.12 13.03
CA VAL A 54 8.41 -11.06 13.22
C VAL A 54 8.51 -11.58 14.65
N THR A 55 7.36 -11.64 15.32
CA THR A 55 7.30 -12.11 16.70
C THR A 55 6.45 -13.37 16.76
N TYR A 56 5.74 -13.64 15.67
CA TYR A 56 4.86 -14.80 15.57
C TYR A 56 4.72 -15.33 14.14
N GLN A 57 5.11 -16.59 13.94
CA GLN A 57 4.96 -17.21 12.63
C GLN A 57 4.42 -18.63 12.79
N LYS A 58 3.18 -18.81 12.36
CA LYS A 58 2.47 -20.07 12.41
C LYS A 58 3.23 -21.28 11.85
N SER A 59 4.18 -21.01 10.95
CA SER A 59 4.96 -22.08 10.32
C SER A 59 6.18 -21.45 9.65
N SER A 60 7.28 -22.19 9.56
CA SER A 60 8.49 -21.65 8.96
C SER A 60 8.39 -21.38 7.46
N ARG A 61 7.27 -21.77 6.84
CA ARG A 61 7.10 -21.53 5.42
C ARG A 61 6.60 -20.11 5.17
N TYR A 62 6.32 -19.38 6.24
CA TYR A 62 5.83 -18.02 6.15
C TYR A 62 6.86 -17.02 6.64
N ASN A 63 7.33 -16.15 5.75
CA ASN A 63 8.34 -15.18 6.15
C ASN A 63 8.18 -13.81 5.51
N LEU A 64 8.56 -12.79 6.28
CA LEU A 64 8.54 -11.42 5.81
C LEU A 64 10.00 -11.10 5.55
N LYS A 65 10.41 -11.15 4.28
CA LYS A 65 11.80 -10.90 3.91
C LYS A 65 12.15 -9.48 3.47
N GLY A 66 11.20 -8.56 3.61
CA GLY A 66 11.49 -7.19 3.22
C GLY A 66 11.95 -6.40 4.43
N HIS A 67 12.21 -5.11 4.27
CA HIS A 67 12.64 -4.29 5.40
C HIS A 67 11.40 -3.89 6.20
N ILE A 68 11.04 -4.74 7.17
CA ILE A 68 9.87 -4.54 8.03
C ILE A 68 9.79 -3.18 8.70
N SER A 69 10.91 -2.71 9.23
CA SER A 69 10.92 -1.42 9.90
C SER A 69 10.79 -0.28 8.87
N GLU A 70 10.97 -0.58 7.60
CA GLU A 70 10.83 0.49 6.60
C GLU A 70 9.38 0.62 6.14
N GLY A 71 8.61 -0.45 6.35
CA GLY A 71 7.20 -0.46 5.96
C GLY A 71 6.82 -1.62 5.05
N ASP A 72 7.80 -2.43 4.64
CA ASP A 72 7.53 -3.57 3.76
C ASP A 72 7.17 -4.80 4.58
N VAL A 73 5.87 -5.12 4.65
CA VAL A 73 5.42 -6.28 5.42
C VAL A 73 4.90 -7.43 4.54
N SER A 74 5.47 -7.55 3.34
CA SER A 74 5.06 -8.58 2.39
C SER A 74 5.30 -10.02 2.85
N LEU A 75 4.27 -10.85 2.70
CA LEU A 75 4.36 -12.25 3.09
C LEU A 75 4.91 -13.12 1.97
N THR A 76 5.84 -13.99 2.32
CA THR A 76 6.41 -14.89 1.34
C THR A 76 6.24 -16.33 1.80
N ILE A 77 5.45 -17.10 1.06
CA ILE A 77 5.21 -18.50 1.38
C ILE A 77 6.26 -19.34 0.63
N GLU A 78 7.23 -19.95 1.33
CA GLU A 78 8.24 -20.73 0.63
C GLU A 78 7.70 -22.02 0.05
N ASN A 79 8.10 -22.30 -1.19
CA ASN A 79 7.70 -23.47 -1.95
C ASN A 79 6.19 -23.63 -1.93
N SER A 80 5.49 -22.83 -2.73
CA SER A 80 4.04 -22.91 -2.76
C SER A 80 3.50 -24.17 -3.41
N VAL A 81 2.28 -24.51 -3.03
CA VAL A 81 1.57 -25.68 -3.55
C VAL A 81 0.14 -25.27 -3.79
N GLU A 82 -0.57 -26.11 -4.53
CA GLU A 82 -1.97 -25.89 -4.83
C GLU A 82 -2.71 -25.59 -3.53
N SER A 83 -2.24 -26.23 -2.44
CA SER A 83 -2.80 -26.09 -1.10
C SER A 83 -2.85 -24.66 -0.55
N ASP A 84 -1.92 -23.83 -1.00
CA ASP A 84 -1.85 -22.45 -0.53
C ASP A 84 -2.91 -21.53 -1.13
N SER A 85 -3.47 -21.90 -2.28
CA SER A 85 -4.48 -21.08 -2.93
C SER A 85 -5.60 -20.77 -1.94
N GLY A 86 -6.09 -19.53 -1.96
CA GLY A 86 -7.15 -19.12 -1.07
C GLY A 86 -7.02 -17.63 -0.77
N LEU A 87 -7.78 -17.14 0.21
CA LEU A 87 -7.76 -15.73 0.58
C LEU A 87 -6.71 -15.49 1.67
N TYR A 88 -6.08 -14.32 1.65
CA TYR A 88 -5.11 -13.98 2.67
C TYR A 88 -5.38 -12.57 3.10
N CYS A 89 -5.15 -12.29 4.38
CA CYS A 89 -5.40 -10.98 4.94
C CYS A 89 -4.17 -10.32 5.57
N CYS A 90 -3.88 -9.09 5.16
CA CYS A 90 -2.76 -8.31 5.69
C CYS A 90 -3.38 -7.10 6.40
N ARG A 91 -3.15 -7.01 7.69
CA ARG A 91 -3.73 -5.93 8.49
C ARG A 91 -2.67 -5.05 9.13
N VAL A 92 -2.74 -3.76 8.89
CA VAL A 92 -1.77 -2.87 9.49
C VAL A 92 -2.45 -2.00 10.50
N GLU A 93 -2.06 -2.16 11.76
CA GLU A 93 -2.67 -1.39 12.83
C GLU A 93 -2.17 0.07 12.83
N ILE A 94 -2.96 0.94 12.19
CA ILE A 94 -2.70 2.38 12.09
C ILE A 94 -3.54 3.14 13.13
N PRO A 95 -3.12 4.34 13.54
CA PRO A 95 -3.81 5.18 14.53
C PRO A 95 -5.30 5.29 14.29
N GLY A 96 -6.05 5.45 15.36
CA GLY A 96 -7.49 5.56 15.20
C GLY A 96 -8.31 4.37 15.64
N TRP A 97 -9.58 4.67 15.91
CA TRP A 97 -10.55 3.70 16.37
C TRP A 97 -11.21 3.04 15.16
N PHE A 98 -11.14 1.71 15.21
CA PHE A 98 -11.63 0.74 14.24
C PHE A 98 -11.34 1.25 12.85
N ASN A 99 -10.04 1.52 12.68
CA ASN A 99 -9.38 2.11 11.52
C ASN A 99 -8.14 1.39 10.88
N ASP A 100 -7.99 0.07 10.98
CA ASP A 100 -6.82 -0.63 10.41
C ASP A 100 -6.77 -0.69 8.88
N GLN A 101 -5.55 -0.68 8.34
CA GLN A 101 -5.38 -0.80 6.90
C GLN A 101 -5.55 -2.28 6.61
N LYS A 102 -6.63 -2.62 5.91
CA LYS A 102 -6.93 -4.01 5.58
C LYS A 102 -6.81 -4.32 4.10
N VAL A 103 -6.13 -5.41 3.79
CA VAL A 103 -5.97 -5.82 2.41
C VAL A 103 -6.13 -7.33 2.33
N THR A 104 -7.08 -7.74 1.50
CA THR A 104 -7.36 -9.15 1.32
C THR A 104 -6.75 -9.60 0.00
N PHE A 105 -6.10 -10.74 0.02
CA PHE A 105 -5.49 -11.26 -1.21
C PHE A 105 -6.17 -12.55 -1.62
N SER A 106 -6.18 -12.77 -2.93
CA SER A 106 -6.75 -13.95 -3.54
C SER A 106 -5.57 -14.61 -4.25
N LEU A 107 -5.03 -15.65 -3.63
CA LEU A 107 -3.86 -16.36 -4.16
C LEU A 107 -4.22 -17.63 -4.93
N GLN A 108 -3.50 -17.85 -6.03
CA GLN A 108 -3.69 -19.04 -6.85
C GLN A 108 -2.34 -19.64 -7.21
N VAL A 109 -2.10 -20.85 -6.75
CA VAL A 109 -0.85 -21.53 -7.03
C VAL A 109 -1.15 -22.75 -7.90
N LYS A 110 -0.76 -22.68 -9.16
CA LYS A 110 -0.99 -23.78 -10.06
C LYS A 110 0.32 -24.36 -10.54
N PRO A 111 0.31 -25.62 -11.00
CA PRO A 111 1.55 -26.22 -11.47
C PRO A 111 2.01 -25.43 -12.69
N GLU A 112 3.33 -25.28 -12.81
CA GLU A 112 3.95 -24.54 -13.89
C GLU A 112 3.94 -25.34 -15.19
N LEU A 113 3.92 -26.65 -15.04
CA LEU A 113 3.89 -27.57 -16.18
C LEU A 113 2.84 -28.65 -15.93
N VAL A 114 1.88 -28.80 -16.83
CA VAL A 114 0.86 -29.83 -16.71
C VAL A 114 1.08 -30.78 -17.91
N PRO A 115 1.59 -32.00 -17.69
CA PRO A 115 1.84 -32.97 -18.75
C PRO A 115 1.13 -33.45 -19.98
N ARG A 116 2.16 -33.60 -20.79
CA ARG A 116 2.34 -34.00 -22.16
C ARG A 116 1.32 -34.91 -22.81
N MET B 1 -19.78 0.14 -5.76
CA MET B 1 -19.42 1.47 -6.32
C MET B 1 -17.92 1.91 -6.35
N ASP B 2 -17.42 2.40 -5.21
CA ASP B 2 -16.06 2.98 -5.14
C ASP B 2 -15.43 3.04 -3.75
N SER B 3 -14.15 2.71 -3.68
CA SER B 3 -13.45 2.72 -2.38
C SER B 3 -12.27 3.69 -2.39
N TYR B 4 -12.45 4.78 -1.66
CA TYR B 4 -11.49 5.86 -1.54
C TYR B 4 -10.71 5.85 -0.23
N VAL B 5 -9.52 6.42 -0.25
CA VAL B 5 -8.76 6.53 0.96
C VAL B 5 -9.11 7.94 1.40
N GLU B 6 -9.48 8.09 2.66
CA GLU B 6 -9.80 9.42 3.17
C GLU B 6 -8.69 10.00 4.07
N VAL B 7 -8.30 11.25 3.81
CA VAL B 7 -7.29 11.91 4.65
C VAL B 7 -7.94 13.17 5.19
N LYS B 8 -7.54 13.55 6.40
CA LYS B 8 -8.00 14.79 7.05
C LYS B 8 -6.75 15.61 7.32
N GLY B 9 -6.80 16.88 6.95
CA GLY B 9 -5.68 17.79 7.14
C GLY B 9 -6.10 19.09 7.82
N VAL B 10 -5.12 19.77 8.42
CA VAL B 10 -5.36 21.02 9.12
C VAL B 10 -4.65 22.20 8.45
N VAL B 11 -5.42 23.23 8.08
CA VAL B 11 -4.87 24.40 7.42
C VAL B 11 -3.61 24.92 8.12
N GLY B 12 -2.61 25.29 7.33
CA GLY B 12 -1.37 25.80 7.88
C GLY B 12 -0.37 24.70 8.19
N HIS B 13 -0.86 23.46 8.25
CA HIS B 13 0.01 22.32 8.54
C HIS B 13 0.23 21.49 7.29
N PRO B 14 1.36 20.75 7.23
CA PRO B 14 1.58 19.94 6.04
C PRO B 14 0.67 18.72 6.17
N VAL B 15 0.11 18.27 5.05
CA VAL B 15 -0.76 17.11 5.10
C VAL B 15 -0.15 16.02 4.23
N THR B 16 -0.30 14.76 4.65
CA THR B 16 0.27 13.67 3.89
C THR B 16 -0.72 12.64 3.37
N LEU B 17 -0.50 12.21 2.14
CA LEU B 17 -1.32 11.19 1.50
C LEU B 17 -0.41 9.98 1.36
N PRO B 18 -0.55 9.01 2.27
CA PRO B 18 0.25 7.79 2.26
C PRO B 18 0.00 6.93 1.03
N CYS B 19 1.09 6.56 0.36
CA CYS B 19 0.99 5.71 -0.82
C CYS B 19 2.31 4.94 -0.90
N THR B 20 2.21 3.62 -0.80
CA THR B 20 3.39 2.77 -0.84
C THR B 20 3.17 1.53 -1.70
N TYR B 21 4.28 0.89 -2.09
CA TYR B 21 4.23 -0.32 -2.90
C TYR B 21 5.50 -1.12 -2.60
N SER B 22 5.44 -2.44 -2.79
CA SER B 22 6.59 -3.28 -2.54
C SER B 22 7.54 -3.36 -3.72
N THR B 23 8.83 -3.21 -3.45
CA THR B 23 9.83 -3.24 -4.51
C THR B 23 10.42 -4.65 -4.69
N TYR B 24 9.68 -5.67 -4.25
CA TYR B 24 10.13 -7.06 -4.33
C TYR B 24 10.43 -7.53 -5.75
N ARG B 25 9.80 -6.90 -6.73
CA ARG B 25 10.04 -7.25 -8.12
C ARG B 25 10.71 -6.04 -8.76
N GLY B 26 11.38 -5.25 -7.92
CA GLY B 26 12.08 -4.07 -8.40
C GLY B 26 11.27 -2.79 -8.29
N ILE B 27 11.95 -1.65 -8.45
CA ILE B 27 11.29 -0.35 -8.38
C ILE B 27 10.64 -0.02 -9.71
N THR B 28 9.73 0.94 -9.71
CA THR B 28 9.06 1.35 -10.93
C THR B 28 8.66 2.83 -10.85
N THR B 29 7.96 3.30 -11.87
CA THR B 29 7.54 4.70 -11.95
C THR B 29 6.24 5.00 -11.23
N THR B 30 6.10 6.25 -10.80
CA THR B 30 4.92 6.73 -10.07
C THR B 30 4.53 8.15 -10.46
N CYS B 31 3.23 8.42 -10.51
CA CYS B 31 2.78 9.78 -10.78
C CYS B 31 1.66 10.11 -9.81
N TRP B 32 1.52 11.40 -9.50
CA TRP B 32 0.48 11.89 -8.61
C TRP B 32 -0.39 12.87 -9.38
N GLY B 33 -1.68 12.90 -9.07
CA GLY B 33 -2.55 13.81 -9.77
C GLY B 33 -3.82 14.16 -9.03
N ARG B 34 -4.40 15.31 -9.37
CA ARG B 34 -5.64 15.78 -8.77
C ARG B 34 -6.81 15.15 -9.52
N GLY B 35 -7.89 14.85 -8.82
CA GLY B 35 -9.03 14.23 -9.45
C GLY B 35 -8.88 12.73 -9.33
N GLN B 36 -9.96 11.98 -9.50
CA GLN B 36 -9.86 10.53 -9.38
C GLN B 36 -9.03 9.98 -10.54
N CYS B 37 -8.35 8.85 -10.29
CA CYS B 37 -7.52 8.23 -11.31
C CYS B 37 -8.28 7.95 -12.60
N PRO B 38 -7.69 8.32 -13.76
CA PRO B 38 -8.28 8.11 -15.09
C PRO B 38 -8.00 6.67 -15.56
N SER B 39 -7.88 6.45 -16.87
CA SER B 39 -7.61 5.09 -17.33
C SER B 39 -6.12 4.93 -17.55
N SER B 40 -5.52 6.00 -18.06
CA SER B 40 -4.09 6.03 -18.32
C SER B 40 -3.45 7.20 -17.60
N ALA B 41 -2.29 6.95 -17.00
CA ALA B 41 -1.52 7.96 -16.28
C ALA B 41 -2.31 8.77 -15.24
N CYS B 42 -1.78 9.94 -14.93
CA CYS B 42 -2.37 10.84 -13.95
C CYS B 42 -3.02 12.07 -14.59
N GLN B 43 -4.16 12.46 -14.05
CA GLN B 43 -4.92 13.61 -14.51
C GLN B 43 -4.38 14.78 -13.67
N ASN B 44 -4.19 15.95 -14.27
CA ASN B 44 -3.66 17.11 -13.55
C ASN B 44 -2.40 16.79 -12.76
N THR B 45 -1.45 16.12 -13.39
CA THR B 45 -0.20 15.72 -12.76
C THR B 45 0.49 16.69 -11.81
N LEU B 46 0.90 16.17 -10.65
CA LEU B 46 1.60 16.97 -9.64
C LEU B 46 3.02 16.44 -9.51
N ILE B 47 3.17 15.12 -9.62
CA ILE B 47 4.47 14.47 -9.48
C ILE B 47 4.70 13.32 -10.45
N TRP B 48 5.98 13.09 -10.74
CA TRP B 48 6.43 11.99 -11.59
C TRP B 48 7.75 11.55 -10.98
N THR B 49 7.93 10.24 -10.86
CA THR B 49 9.17 9.71 -10.32
C THR B 49 9.72 8.78 -11.39
N ASN B 50 11.03 8.57 -11.36
CA ASN B 50 11.67 7.68 -12.32
C ASN B 50 11.98 6.39 -11.59
N GLY B 51 11.43 6.27 -10.38
CA GLY B 51 11.65 5.07 -9.59
C GLY B 51 12.41 5.35 -8.30
N HIS B 52 13.41 6.23 -8.38
CA HIS B 52 14.22 6.56 -7.21
C HIS B 52 14.24 8.03 -6.82
N ARG B 53 13.76 8.91 -7.68
CA ARG B 53 13.73 10.33 -7.35
C ARG B 53 12.69 11.06 -8.17
N VAL B 54 12.26 12.21 -7.65
CA VAL B 54 11.26 13.04 -8.32
C VAL B 54 11.87 13.65 -9.59
N THR B 55 11.14 13.55 -10.70
CA THR B 55 11.61 14.08 -11.97
C THR B 55 10.70 15.21 -12.45
N TYR B 56 9.52 15.31 -11.85
CA TYR B 56 8.56 16.35 -12.18
C TYR B 56 7.84 16.78 -10.92
N GLN B 57 7.79 18.10 -10.72
CA GLN B 57 7.14 18.69 -9.56
C GLN B 57 6.38 19.92 -10.03
N LYS B 58 5.05 19.79 -10.08
CA LYS B 58 4.19 20.87 -10.52
C LYS B 58 4.34 22.14 -9.68
N SER B 59 4.60 21.95 -8.39
CA SER B 59 4.77 23.08 -7.48
C SER B 59 5.70 22.66 -6.34
N SER B 60 6.46 23.61 -5.80
CA SER B 60 7.38 23.29 -4.72
C SER B 60 6.66 22.81 -3.45
N ARG B 61 5.35 23.03 -3.39
CA ARG B 61 4.56 22.61 -2.23
C ARG B 61 4.29 21.11 -2.23
N TYR B 62 4.64 20.44 -3.32
CA TYR B 62 4.42 19.01 -3.44
C TYR B 62 5.73 18.25 -3.34
N ASN B 63 5.84 17.40 -2.33
CA ASN B 63 7.05 16.62 -2.11
C ASN B 63 6.81 15.19 -1.67
N LEU B 64 7.77 14.34 -2.04
CA LEU B 64 7.74 12.94 -1.65
C LEU B 64 8.92 12.81 -0.68
N LYS B 65 8.60 12.87 0.60
CA LYS B 65 9.60 12.82 1.64
C LYS B 65 10.12 11.46 2.10
N GLY B 66 9.41 10.39 1.80
CA GLY B 66 9.98 9.13 2.25
C GLY B 66 11.14 8.72 1.35
N HIS B 67 11.57 7.50 1.68
CA HIS B 67 12.62 6.66 1.06
C HIS B 67 11.87 6.08 -0.13
N ILE B 68 11.91 6.84 -1.23
CA ILE B 68 11.23 6.57 -2.48
C ILE B 68 11.65 5.26 -3.10
N SER B 69 12.96 5.08 -3.25
CA SER B 69 13.47 3.85 -3.85
C SER B 69 13.08 2.64 -2.99
N GLU B 70 12.60 2.86 -1.77
CA GLU B 70 12.20 1.75 -0.94
C GLU B 70 10.75 1.36 -1.22
N GLY B 71 9.97 2.30 -1.76
CA GLY B 71 8.58 2.02 -2.07
C GLY B 71 7.63 3.01 -1.44
N ASP B 72 8.18 3.96 -0.69
CA ASP B 72 7.34 4.97 -0.05
C ASP B 72 7.23 6.20 -0.93
N VAL B 73 6.19 6.26 -1.76
CA VAL B 73 6.00 7.40 -2.64
C VAL B 73 4.85 8.28 -2.14
N SER B 74 4.84 8.52 -0.83
CA SER B 74 3.80 9.33 -0.22
C SER B 74 3.94 10.81 -0.55
N LEU B 75 2.83 11.43 -0.90
CA LEU B 75 2.80 12.85 -1.26
C LEU B 75 2.55 13.71 -0.03
N THR B 76 3.35 14.76 0.12
CA THR B 76 3.20 15.67 1.24
C THR B 76 2.95 17.07 0.68
N ILE B 77 1.87 17.69 1.12
CA ILE B 77 1.52 19.03 0.67
C ILE B 77 1.92 19.99 1.78
N GLU B 78 2.90 20.85 1.50
CA GLU B 78 3.37 21.81 2.48
C GLU B 78 2.35 22.88 2.76
N ASN B 79 2.42 23.44 3.97
CA ASN B 79 1.51 24.51 4.34
C ASN B 79 0.21 24.41 3.50
N SER B 80 -0.67 23.48 3.91
CA SER B 80 -1.96 23.19 3.28
C SER B 80 -3.01 24.24 3.53
N VAL B 81 -4.02 24.26 2.66
CA VAL B 81 -5.13 25.19 2.78
C VAL B 81 -6.39 24.53 2.25
N GLU B 82 -7.52 25.11 2.61
CA GLU B 82 -8.82 24.62 2.22
C GLU B 82 -8.90 24.24 0.75
N SER B 83 -8.23 25.01 -0.12
CA SER B 83 -8.24 24.73 -1.55
C SER B 83 -7.48 23.48 -1.98
N ASP B 84 -6.87 22.78 -1.03
CA ASP B 84 -6.16 21.55 -1.36
C ASP B 84 -7.12 20.37 -1.27
N SER B 85 -8.29 20.62 -0.67
CA SER B 85 -9.29 19.57 -0.53
C SER B 85 -9.69 19.08 -1.91
N GLY B 86 -10.03 17.81 -2.01
CA GLY B 86 -10.41 17.23 -3.29
C GLY B 86 -9.90 15.81 -3.42
N LEU B 87 -10.05 15.22 -4.61
CA LEU B 87 -9.60 13.86 -4.85
C LEU B 87 -8.20 13.82 -5.45
N TYR B 88 -7.40 12.86 -5.02
CA TYR B 88 -6.04 12.71 -5.53
C TYR B 88 -5.76 11.29 -5.98
N CYS B 89 -4.93 11.15 -6.99
CA CYS B 89 -4.58 9.86 -7.53
C CYS B 89 -3.10 9.55 -7.40
N CYS B 90 -2.80 8.36 -6.91
CA CYS B 90 -1.43 7.89 -6.79
C CYS B 90 -1.43 6.61 -7.61
N ARG B 91 -0.72 6.64 -8.73
CA ARG B 91 -0.67 5.47 -9.61
C ARG B 91 0.75 4.91 -9.70
N VAL B 92 0.87 3.60 -9.51
CA VAL B 92 2.17 2.94 -9.57
C VAL B 92 2.25 1.93 -10.73
N GLU B 93 3.02 2.30 -11.74
CA GLU B 93 3.20 1.48 -12.94
C GLU B 93 3.99 0.21 -12.68
N ILE B 94 3.29 -0.81 -12.24
CA ILE B 94 3.90 -2.09 -11.94
C ILE B 94 3.94 -3.04 -13.12
N PRO B 95 4.74 -4.11 -13.01
CA PRO B 95 4.85 -5.10 -14.09
C PRO B 95 3.45 -5.54 -14.49
N GLY B 96 3.27 -5.75 -15.79
CA GLY B 96 1.97 -6.16 -16.28
C GLY B 96 1.48 -5.18 -17.31
N TRP B 97 0.68 -5.68 -18.24
CA TRP B 97 0.14 -4.84 -19.29
C TRP B 97 -1.06 -4.06 -18.77
N PHE B 98 -0.92 -2.73 -18.72
CA PHE B 98 -1.99 -1.88 -18.25
C PHE B 98 -2.55 -2.50 -16.97
N ASN B 99 -1.66 -2.69 -16.00
CA ASN B 99 -1.96 -3.34 -14.73
C ASN B 99 -1.55 -2.47 -13.52
N ASP B 100 -1.69 -1.17 -13.66
CA ASP B 100 -1.30 -0.21 -12.63
C ASP B 100 -1.99 -0.24 -11.26
N GLN B 101 -1.19 -0.03 -10.21
CA GLN B 101 -1.68 0.01 -8.85
C GLN B 101 -2.14 1.44 -8.64
N LYS B 102 -3.46 1.63 -8.57
CA LYS B 102 -4.03 2.95 -8.40
C LYS B 102 -4.68 3.13 -7.04
N VAL B 103 -4.57 4.35 -6.51
CA VAL B 103 -5.14 4.67 -5.23
C VAL B 103 -5.69 6.09 -5.31
N THR B 104 -7.01 6.22 -5.14
CA THR B 104 -7.67 7.51 -5.19
C THR B 104 -7.92 7.99 -3.76
N PHE B 105 -7.55 9.24 -3.48
CA PHE B 105 -7.74 9.80 -2.15
C PHE B 105 -8.79 10.90 -2.17
N SER B 106 -9.36 11.13 -0.99
CA SER B 106 -10.35 12.17 -0.76
C SER B 106 -9.78 12.97 0.40
N LEU B 107 -9.04 14.03 0.09
CA LEU B 107 -8.42 14.89 1.08
C LEU B 107 -9.33 16.05 1.44
N GLN B 108 -9.38 16.35 2.72
CA GLN B 108 -10.26 17.37 3.20
C GLN B 108 -9.54 18.22 4.24
N VAL B 109 -9.22 19.45 3.86
CA VAL B 109 -8.51 20.37 4.71
C VAL B 109 -9.42 21.47 5.25
N LYS B 110 -9.54 21.50 6.58
CA LYS B 110 -10.36 22.50 7.24
C LYS B 110 -9.54 23.28 8.26
N PRO B 111 -10.03 24.47 8.64
CA PRO B 111 -9.33 25.30 9.62
C PRO B 111 -9.20 24.57 10.95
N GLU B 112 -8.12 24.87 11.66
CA GLU B 112 -7.86 24.25 12.95
C GLU B 112 -8.72 24.88 14.03
N LEU B 113 -9.07 26.15 13.81
CA LEU B 113 -9.87 26.90 14.76
C LEU B 113 -10.85 27.85 14.06
N VAL B 114 -12.08 27.87 14.53
CA VAL B 114 -13.10 28.74 13.94
C VAL B 114 -13.82 29.53 15.04
N PRO B 115 -13.46 30.82 15.20
CA PRO B 115 -14.01 31.76 16.19
C PRO B 115 -15.50 31.67 16.46
N ARG B 116 -15.87 32.06 17.68
CA ARG B 116 -17.26 32.04 18.14
C ARG B 116 -18.19 32.83 17.23
C ACT C . -9.19 -20.60 2.33
O ACT C . -9.46 -19.43 2.46
OXT ACT C . -9.14 -21.40 3.41
CH3 ACT C . -8.93 -21.16 0.96
#